data_1LEL
#
_entry.id   1LEL
#
_cell.length_a   70.963
_cell.length_b   80.692
_cell.length_c   43.074
_cell.angle_alpha   90.00
_cell.angle_beta   90.00
_cell.angle_gamma   90.00
#
_symmetry.space_group_name_H-M   'P 21 21 2'
#
loop_
_entity.id
_entity.type
_entity.pdbx_description
1 polymer Avidin
2 non-polymer 2-acetamido-2-deoxy-beta-D-glucopyranose
3 non-polymer 'E-AMINO BIOTINYL CAPROIC ACID'
#
_entity_poly.entity_id   1
_entity_poly.type   'polypeptide(L)'
_entity_poly.pdbx_seq_one_letter_code
;ARKCSLTGKWTNDLGSNMTIGAVNSRGEFTGTYTTAVTATSNEIKESPLHGTENTINKRTQPTFGFTVNWKFSESTTVFT
GQCFIDRNGKEVLKTMWLLRSSVNDIGDDWKATRVGINIFTRLRTQKE
;
_entity_poly.pdbx_strand_id   A,B
#
# COMPACT_ATOMS: atom_id res chain seq x y z
N LYS A 3 10.53 -22.26 0.42
CA LYS A 3 10.12 -20.88 0.01
C LYS A 3 9.37 -20.17 1.13
N CYS A 4 8.94 -18.93 0.91
CA CYS A 4 8.19 -18.23 1.97
C CYS A 4 6.88 -17.68 1.49
N SER A 5 5.82 -18.49 1.55
CA SER A 5 4.50 -18.07 1.12
C SER A 5 3.81 -17.12 2.09
N LEU A 6 3.01 -16.22 1.53
CA LEU A 6 2.24 -15.23 2.26
C LEU A 6 0.90 -15.84 2.61
N THR A 7 0.41 -16.64 1.69
CA THR A 7 -0.85 -17.32 1.83
C THR A 7 -0.99 -18.04 3.17
N GLY A 8 -2.09 -17.80 3.87
CA GLY A 8 -2.31 -18.42 5.15
C GLY A 8 -2.79 -17.46 6.24
N LYS A 9 -2.64 -17.89 7.49
CA LYS A 9 -3.06 -17.09 8.63
C LYS A 9 -1.77 -16.65 9.32
N TRP A 10 -1.78 -15.43 9.81
CA TRP A 10 -0.64 -14.85 10.49
C TRP A 10 -1.15 -14.08 11.67
N THR A 11 -0.26 -13.82 12.60
CA THR A 11 -0.61 -13.08 13.80
C THR A 11 0.59 -12.24 14.16
N ASN A 12 0.36 -11.11 14.82
CA ASN A 12 1.46 -10.24 15.21
C ASN A 12 1.69 -9.97 16.68
N ASP A 13 2.75 -9.23 16.91
CA ASP A 13 3.20 -8.81 18.23
C ASP A 13 2.21 -7.88 18.93
N LEU A 14 1.07 -7.63 18.28
CA LEU A 14 0.04 -6.75 18.82
C LEU A 14 -1.30 -7.41 19.07
N GLY A 15 -1.39 -8.69 18.84
CA GLY A 15 -2.65 -9.36 19.02
C GLY A 15 -3.64 -8.98 17.92
N SER A 16 -3.15 -9.02 16.66
CA SER A 16 -3.98 -8.74 15.47
C SER A 16 -3.73 -9.84 14.37
N ASN A 17 -4.62 -10.91 14.28
CA ASN A 17 -4.53 -12.05 13.26
C ASN A 17 -4.75 -11.52 11.86
N MET A 18 -4.45 -12.35 10.86
CA MET A 18 -4.59 -11.96 9.46
C MET A 18 -4.59 -13.22 8.62
N THR A 19 -5.38 -13.20 7.55
CA THR A 19 -5.49 -14.35 6.64
C THR A 19 -5.27 -13.90 5.18
N ILE A 20 -4.55 -14.72 4.40
CA ILE A 20 -4.27 -14.37 3.02
C ILE A 20 -4.57 -15.46 2.00
N GLY A 21 -5.28 -15.08 0.93
CA GLY A 21 -5.64 -16.02 -0.10
C GLY A 21 -4.51 -16.54 -0.94
N ALA A 22 -4.86 -17.12 -2.09
CA ALA A 22 -3.87 -17.69 -2.97
C ALA A 22 -3.31 -16.75 -4.03
N VAL A 23 -2.12 -16.23 -3.77
CA VAL A 23 -1.45 -15.32 -4.70
C VAL A 23 -1.63 -15.82 -6.14
N ASN A 24 -2.34 -15.05 -6.95
CA ASN A 24 -2.61 -15.41 -8.33
C ASN A 24 -1.36 -15.32 -9.23
N SER A 25 -1.58 -15.55 -10.53
CA SER A 25 -0.54 -15.50 -11.56
C SER A 25 0.27 -14.22 -11.53
N ARG A 26 -0.43 -13.08 -11.63
CA ARG A 26 0.22 -11.78 -11.62
C ARG A 26 0.66 -11.29 -10.22
N GLY A 27 0.47 -12.11 -9.21
CA GLY A 27 0.90 -11.75 -7.87
C GLY A 27 -0.07 -11.07 -6.92
N GLU A 28 -1.31 -10.92 -7.35
CA GLU A 28 -2.29 -10.27 -6.51
C GLU A 28 -2.85 -11.22 -5.50
N PHE A 29 -3.47 -10.66 -4.47
CA PHE A 29 -4.08 -11.47 -3.44
C PHE A 29 -4.99 -10.60 -2.60
N THR A 30 -5.81 -11.27 -1.82
CA THR A 30 -6.75 -10.62 -0.90
C THR A 30 -6.69 -11.37 0.40
N GLY A 31 -7.28 -10.81 1.43
CA GLY A 31 -7.30 -11.50 2.69
C GLY A 31 -8.20 -10.73 3.64
N THR A 32 -8.03 -10.96 4.92
CA THR A 32 -8.85 -10.26 5.88
C THR A 32 -7.96 -9.84 7.05
N TYR A 33 -8.34 -8.75 7.71
CA TYR A 33 -7.56 -8.30 8.84
C TYR A 33 -8.46 -8.28 10.06
N THR A 34 -7.95 -8.78 11.17
CA THR A 34 -8.76 -8.83 12.36
C THR A 34 -8.01 -8.17 13.50
N THR A 35 -8.74 -7.36 14.26
CA THR A 35 -8.21 -6.67 15.42
C THR A 35 -9.37 -6.25 16.31
N ALA A 36 -9.07 -5.82 17.53
CA ALA A 36 -10.11 -5.38 18.47
C ALA A 36 -10.72 -3.99 18.10
N LYS A 45 -11.89 -4.69 14.45
CA LYS A 45 -12.96 -5.40 13.68
C LYS A 45 -12.48 -6.48 12.70
N GLU A 46 -13.06 -6.47 11.51
CA GLU A 46 -12.75 -7.43 10.46
C GLU A 46 -12.79 -6.67 9.13
N SER A 47 -11.69 -6.01 8.78
CA SER A 47 -11.62 -5.24 7.54
C SER A 47 -10.98 -6.00 6.40
N PRO A 48 -11.38 -5.67 5.15
CA PRO A 48 -10.85 -6.31 3.95
C PRO A 48 -9.41 -5.89 3.60
N LEU A 49 -8.71 -6.81 2.95
CA LEU A 49 -7.33 -6.62 2.56
C LEU A 49 -7.06 -6.92 1.08
N HIS A 50 -6.22 -6.12 0.46
CA HIS A 50 -5.87 -6.32 -0.94
C HIS A 50 -4.40 -6.03 -1.12
N GLY A 51 -3.67 -6.96 -1.74
CA GLY A 51 -2.25 -6.71 -1.93
C GLY A 51 -1.59 -7.29 -3.16
N THR A 52 -0.29 -7.07 -3.24
CA THR A 52 0.51 -7.57 -4.34
C THR A 52 1.87 -7.92 -3.80
N GLU A 53 2.32 -9.10 -4.18
CA GLU A 53 3.60 -9.59 -3.77
C GLU A 53 4.43 -9.45 -5.02
N ASN A 54 5.63 -8.91 -4.85
CA ASN A 54 6.52 -8.69 -5.96
C ASN A 54 7.01 -9.98 -6.56
N THR A 55 6.61 -10.23 -7.79
CA THR A 55 7.01 -11.44 -8.49
C THR A 55 7.77 -11.01 -9.72
N ILE A 56 9.09 -11.12 -9.63
CA ILE A 56 9.94 -10.78 -10.75
C ILE A 56 11.05 -11.83 -10.87
N ASN A 57 11.94 -11.85 -9.87
CA ASN A 57 13.02 -12.82 -9.86
C ASN A 57 12.60 -14.04 -9.05
N LYS A 58 11.28 -14.28 -9.07
CA LYS A 58 10.63 -15.39 -8.34
C LYS A 58 11.33 -15.78 -7.05
N ARG A 59 11.74 -14.77 -6.30
CA ARG A 59 12.45 -14.96 -5.03
C ARG A 59 11.77 -15.83 -3.98
N THR A 60 12.55 -16.33 -3.03
CA THR A 60 12.00 -17.18 -1.97
C THR A 60 11.65 -16.38 -0.72
N GLN A 61 12.10 -15.13 -0.70
CA GLN A 61 11.82 -14.22 0.40
C GLN A 61 11.35 -13.00 -0.35
N PRO A 62 10.11 -13.04 -0.88
CA PRO A 62 9.46 -11.98 -1.66
C PRO A 62 9.26 -10.66 -0.94
N THR A 63 9.11 -9.61 -1.71
CA THR A 63 8.87 -8.28 -1.18
C THR A 63 7.39 -8.07 -1.48
N PHE A 64 6.64 -7.45 -0.59
CA PHE A 64 5.22 -7.27 -0.87
C PHE A 64 4.63 -5.97 -0.31
N GLY A 65 3.34 -5.75 -0.64
CA GLY A 65 2.62 -4.58 -0.17
C GLY A 65 1.10 -4.77 -0.23
N PHE A 66 0.37 -4.27 0.76
CA PHE A 66 -1.07 -4.34 0.69
C PHE A 66 -1.69 -3.18 1.38
N THR A 67 -2.97 -2.97 1.10
CA THR A 67 -3.76 -1.87 1.65
C THR A 67 -4.89 -2.40 2.53
N VAL A 68 -5.27 -1.61 3.52
CA VAL A 68 -6.37 -1.99 4.38
C VAL A 68 -7.23 -0.75 4.54
N ASN A 69 -8.49 -0.87 4.12
CA ASN A 69 -9.49 0.22 4.21
C ASN A 69 -10.43 -0.26 5.31
N TRP A 70 -10.42 0.45 6.42
CA TRP A 70 -11.23 0.04 7.56
C TRP A 70 -12.72 0.26 7.42
N LYS A 71 -13.48 -0.73 7.84
CA LYS A 71 -14.92 -0.66 7.80
C LYS A 71 -15.46 0.07 9.04
N PHE A 72 -14.59 0.35 10.01
CA PHE A 72 -15.05 1.06 11.19
C PHE A 72 -14.67 2.54 11.21
N SER A 73 -13.96 3.00 10.17
CA SER A 73 -13.59 4.42 10.06
C SER A 73 -13.06 4.76 8.65
N GLU A 74 -12.80 6.05 8.42
CA GLU A 74 -12.32 6.51 7.14
C GLU A 74 -10.79 6.55 7.03
N SER A 75 -10.12 5.56 7.58
CA SER A 75 -8.67 5.49 7.52
C SER A 75 -8.21 4.42 6.59
N THR A 76 -6.93 4.49 6.24
CA THR A 76 -6.31 3.49 5.40
C THR A 76 -4.91 3.27 6.00
N THR A 77 -4.43 2.03 5.89
CA THR A 77 -3.11 1.65 6.33
C THR A 77 -2.54 0.88 5.18
N VAL A 78 -1.28 1.12 4.90
CA VAL A 78 -0.61 0.41 3.83
C VAL A 78 0.61 -0.22 4.46
N PHE A 79 0.91 -1.45 4.04
CA PHE A 79 2.06 -2.18 4.54
C PHE A 79 3.02 -2.54 3.41
N THR A 80 4.31 -2.53 3.71
CA THR A 80 5.31 -2.99 2.75
C THR A 80 6.01 -3.93 3.68
N GLY A 81 6.73 -4.88 3.13
CA GLY A 81 7.43 -5.80 3.98
C GLY A 81 8.00 -6.89 3.14
N GLN A 82 8.68 -7.79 3.82
CA GLN A 82 9.28 -8.93 3.17
C GLN A 82 9.06 -10.19 3.98
N CYS A 83 9.07 -11.31 3.26
CA CYS A 83 8.92 -12.62 3.84
C CYS A 83 10.31 -13.10 4.12
N PHE A 84 10.58 -13.51 5.34
CA PHE A 84 11.89 -14.04 5.65
C PHE A 84 11.74 -15.40 6.29
N ILE A 85 12.70 -16.28 6.02
CA ILE A 85 12.77 -17.55 6.70
C ILE A 85 13.78 -17.11 7.75
N ASP A 86 13.35 -17.00 8.99
CA ASP A 86 14.20 -16.55 10.08
C ASP A 86 15.39 -17.47 10.30
N ARG A 87 16.39 -17.01 11.06
CA ARG A 87 17.56 -17.84 11.35
C ARG A 87 17.17 -19.08 12.19
N ASN A 88 15.99 -19.03 12.79
CA ASN A 88 15.51 -20.12 13.60
C ASN A 88 14.58 -21.01 12.76
N GLY A 89 14.57 -20.79 11.46
CA GLY A 89 13.77 -21.60 10.56
C GLY A 89 12.32 -21.21 10.33
N LYS A 90 11.80 -20.23 11.08
CA LYS A 90 10.41 -19.80 10.93
C LYS A 90 10.15 -18.73 9.83
N GLU A 91 8.91 -18.69 9.34
CA GLU A 91 8.54 -17.69 8.37
C GLU A 91 8.11 -16.51 9.25
N VAL A 92 8.52 -15.33 8.81
CA VAL A 92 8.27 -14.09 9.51
C VAL A 92 8.04 -12.98 8.49
N LEU A 93 6.96 -12.24 8.66
CA LEU A 93 6.71 -11.10 7.80
C LEU A 93 7.10 -9.87 8.63
N LYS A 94 8.18 -9.21 8.23
CA LYS A 94 8.63 -7.97 8.87
C LYS A 94 7.95 -6.90 8.01
N THR A 95 7.21 -5.99 8.63
CA THR A 95 6.56 -4.97 7.83
C THR A 95 6.63 -3.58 8.45
N MET A 96 6.26 -2.60 7.65
CA MET A 96 6.21 -1.23 8.10
C MET A 96 4.96 -0.65 7.48
N TRP A 97 4.27 0.18 8.23
CA TRP A 97 3.07 0.77 7.70
C TRP A 97 2.91 2.27 7.83
N LEU A 98 1.95 2.76 7.06
CA LEU A 98 1.58 4.15 7.00
C LEU A 98 0.09 4.14 7.24
N LEU A 99 -0.34 4.81 8.28
CA LEU A 99 -1.75 4.88 8.63
C LEU A 99 -2.22 6.32 8.37
N ARG A 100 -3.08 6.49 7.37
CA ARG A 100 -3.60 7.82 7.01
C ARG A 100 -4.97 8.11 7.63
N SER A 101 -5.11 9.31 8.17
CA SER A 101 -6.35 9.71 8.79
C SER A 101 -7.04 10.64 7.81
N SER A 102 -8.35 10.82 7.97
CA SER A 102 -9.09 11.72 7.09
C SER A 102 -9.09 13.08 7.73
N VAL A 103 -8.66 14.10 6.99
CA VAL A 103 -8.66 15.47 7.53
C VAL A 103 -9.73 16.26 6.80
N ASN A 104 -9.95 17.50 7.19
CA ASN A 104 -10.97 18.32 6.53
C ASN A 104 -10.33 19.24 5.53
N ASP A 105 -9.30 19.95 5.97
CA ASP A 105 -8.62 20.88 5.09
C ASP A 105 -7.16 20.54 4.74
N ILE A 106 -6.81 20.80 3.50
CA ILE A 106 -5.48 20.57 2.98
C ILE A 106 -4.44 21.27 3.87
N GLY A 107 -4.92 22.07 4.83
CA GLY A 107 -4.01 22.76 5.71
C GLY A 107 -3.62 21.91 6.91
N ASP A 108 -4.39 20.84 7.14
CA ASP A 108 -4.11 19.95 8.25
C ASP A 108 -3.48 18.65 7.81
N ASP A 109 -3.22 18.53 6.51
CA ASP A 109 -2.65 17.32 5.97
C ASP A 109 -1.44 16.85 6.77
N TRP A 110 -0.56 17.77 7.08
CA TRP A 110 0.66 17.48 7.80
C TRP A 110 0.52 16.50 8.96
N LYS A 111 -0.60 16.50 9.67
CA LYS A 111 -0.72 15.57 10.79
C LYS A 111 -1.57 14.31 10.58
N ALA A 112 -1.77 13.95 9.32
CA ALA A 112 -2.59 12.77 9.03
C ALA A 112 -1.87 11.42 9.01
N THR A 113 -0.59 11.42 8.70
CA THR A 113 0.14 10.16 8.62
C THR A 113 0.95 9.67 9.85
N ARG A 114 0.69 8.42 10.22
CA ARG A 114 1.35 7.72 11.31
C ARG A 114 2.15 6.62 10.66
N VAL A 115 3.24 6.23 11.31
CA VAL A 115 4.14 5.23 10.75
C VAL A 115 4.50 4.24 11.83
N GLY A 116 4.48 2.95 11.49
CA GLY A 116 4.84 1.95 12.47
C GLY A 116 5.46 0.70 11.91
N ILE A 117 5.76 -0.23 12.81
CA ILE A 117 6.35 -1.51 12.47
C ILE A 117 5.35 -2.58 12.90
N ASN A 118 5.54 -3.80 12.41
CA ASN A 118 4.66 -4.88 12.77
C ASN A 118 5.19 -6.16 12.21
N ILE A 119 5.44 -7.11 13.12
CA ILE A 119 5.98 -8.46 12.86
C ILE A 119 4.89 -9.54 12.97
N PHE A 120 4.80 -10.36 11.93
CA PHE A 120 3.80 -11.45 11.86
C PHE A 120 4.47 -12.81 11.91
N THR A 121 3.67 -13.82 12.20
CA THR A 121 4.16 -15.21 12.24
C THR A 121 3.00 -16.10 11.88
N ARG A 122 3.28 -17.35 11.52
CA ARG A 122 2.21 -18.28 11.15
C ARG A 122 1.42 -18.73 12.36
N LEU A 123 0.12 -18.46 12.31
CA LEU A 123 -0.78 -18.83 13.38
C LEU A 123 -1.00 -20.36 13.35
N LYS B 3 -16.32 17.50 -5.16
CA LYS B 3 -16.11 16.04 -5.39
C LYS B 3 -14.67 15.73 -5.89
N CYS B 4 -14.01 14.80 -5.19
CA CYS B 4 -12.64 14.41 -5.51
C CYS B 4 -12.63 12.95 -5.94
N SER B 5 -12.49 12.73 -7.24
CA SER B 5 -12.51 11.38 -7.80
C SER B 5 -11.10 10.91 -8.16
N LEU B 6 -10.85 9.61 -8.03
CA LEU B 6 -9.51 9.13 -8.34
C LEU B 6 -9.33 8.69 -9.76
N THR B 7 -10.40 8.36 -10.47
CA THR B 7 -10.19 7.94 -11.84
C THR B 7 -9.56 9.06 -12.66
N GLY B 8 -8.43 8.78 -13.30
CA GLY B 8 -7.79 9.82 -14.09
C GLY B 8 -6.31 9.63 -14.42
N LYS B 9 -5.70 10.70 -14.89
CA LYS B 9 -4.29 10.69 -15.25
C LYS B 9 -3.68 11.80 -14.41
N TRP B 10 -2.84 11.40 -13.47
CA TRP B 10 -2.18 12.35 -12.58
C TRP B 10 -0.72 12.48 -12.91
N THR B 11 -0.13 13.57 -12.43
CA THR B 11 1.28 13.80 -12.66
C THR B 11 1.82 14.36 -11.38
N ASN B 12 3.13 14.54 -11.31
CA ASN B 12 3.72 15.06 -10.10
C ASN B 12 4.96 15.93 -10.23
N ASP B 13 5.52 16.17 -9.05
CA ASP B 13 6.70 16.97 -8.81
C ASP B 13 7.99 16.33 -9.35
N LEU B 14 7.94 15.03 -9.63
CA LEU B 14 9.10 14.31 -10.16
C LEU B 14 8.91 14.01 -11.64
N GLY B 15 7.74 14.37 -12.15
CA GLY B 15 7.51 14.09 -13.56
C GLY B 15 7.25 12.60 -13.72
N SER B 16 6.41 12.05 -12.86
CA SER B 16 6.05 10.65 -12.94
C SER B 16 4.57 10.71 -13.23
N ASN B 17 4.14 9.91 -14.20
CA ASN B 17 2.75 9.89 -14.55
C ASN B 17 2.07 8.65 -14.02
N MET B 18 0.76 8.76 -13.91
CA MET B 18 -0.02 7.68 -13.38
C MET B 18 -1.45 7.85 -13.86
N THR B 19 -2.07 6.75 -14.28
CA THR B 19 -3.47 6.77 -14.69
C THR B 19 -4.13 5.68 -13.85
N ILE B 20 -5.32 5.96 -13.37
CA ILE B 20 -6.08 5.07 -12.51
C ILE B 20 -7.42 4.89 -13.20
N GLY B 21 -7.95 3.68 -13.22
CA GLY B 21 -9.25 3.47 -13.85
C GLY B 21 -10.40 3.87 -12.94
N ALA B 22 -11.58 3.29 -13.22
CA ALA B 22 -12.80 3.54 -12.45
C ALA B 22 -12.82 2.63 -11.25
N VAL B 23 -13.23 3.15 -10.10
CA VAL B 23 -13.27 2.33 -8.91
C VAL B 23 -14.63 1.65 -8.79
N ASN B 24 -14.62 0.37 -8.45
CA ASN B 24 -15.82 -0.43 -8.31
C ASN B 24 -16.62 -0.13 -7.04
N SER B 25 -17.74 -0.85 -6.91
CA SER B 25 -18.66 -0.74 -5.76
C SER B 25 -17.92 -0.81 -4.44
N ARG B 26 -17.14 -1.88 -4.23
CA ARG B 26 -16.33 -2.10 -3.02
C ARG B 26 -15.39 -0.91 -2.78
N GLY B 27 -14.72 -0.46 -3.84
CA GLY B 27 -13.82 0.67 -3.70
C GLY B 27 -12.42 0.52 -4.26
N GLU B 28 -12.17 -0.54 -5.02
CA GLU B 28 -10.85 -0.75 -5.58
C GLU B 28 -10.69 -0.32 -7.04
N PHE B 29 -9.44 -0.15 -7.41
CA PHE B 29 -9.15 0.32 -8.74
C PHE B 29 -7.80 -0.20 -9.10
N THR B 30 -7.41 -0.06 -10.36
CA THR B 30 -6.07 -0.45 -10.79
C THR B 30 -5.58 0.69 -11.67
N GLY B 31 -4.31 0.67 -12.02
CA GLY B 31 -3.84 1.73 -12.88
C GLY B 31 -2.47 1.45 -13.40
N THR B 32 -1.83 2.45 -13.98
CA THR B 32 -0.48 2.25 -14.47
C THR B 32 0.38 3.33 -13.84
N TYR B 33 1.64 2.99 -13.60
CA TYR B 33 2.55 3.95 -13.04
C TYR B 33 3.74 4.06 -13.97
N THR B 34 3.83 5.19 -14.67
CA THR B 34 4.91 5.44 -15.61
C THR B 34 5.97 6.26 -14.90
N THR B 35 7.09 5.62 -14.62
CA THR B 35 8.12 6.28 -13.85
C THR B 35 9.39 6.76 -14.51
N ALA B 36 10.13 7.49 -13.67
CA ALA B 36 11.40 8.13 -13.95
C ALA B 36 11.30 9.40 -13.11
N GLU B 43 14.98 6.21 -20.24
CA GLU B 43 13.98 5.13 -20.03
C GLU B 43 12.62 5.61 -19.51
N ILE B 44 11.59 4.88 -19.95
CA ILE B 44 10.20 5.08 -19.55
C ILE B 44 9.84 3.69 -19.07
N LYS B 45 9.32 3.55 -17.84
CA LYS B 45 8.96 2.23 -17.36
C LYS B 45 7.59 2.17 -16.68
N GLU B 46 6.70 1.34 -17.23
CA GLU B 46 5.34 1.20 -16.70
C GLU B 46 5.23 0.12 -15.64
N SER B 47 4.32 0.32 -14.68
CA SER B 47 4.09 -0.66 -13.64
C SER B 47 2.65 -0.68 -13.17
N PRO B 48 2.07 -1.88 -13.02
CA PRO B 48 0.68 -1.97 -12.56
C PRO B 48 0.54 -1.54 -11.10
N LEU B 49 -0.53 -0.83 -10.82
CA LEU B 49 -0.83 -0.33 -9.50
C LEU B 49 -2.20 -0.85 -9.18
N HIS B 50 -2.39 -1.18 -7.91
CA HIS B 50 -3.62 -1.76 -7.36
C HIS B 50 -3.86 -1.10 -6.03
N GLY B 51 -5.07 -0.63 -5.78
CA GLY B 51 -5.34 0.00 -4.49
C GLY B 51 -6.81 0.14 -4.22
N THR B 52 -7.16 0.62 -3.02
CA THR B 52 -8.55 0.80 -2.66
C THR B 52 -8.80 2.22 -2.17
N GLU B 53 -10.01 2.70 -2.37
CA GLU B 53 -10.38 4.04 -1.94
C GLU B 53 -11.33 3.77 -0.81
N ASN B 54 -11.15 4.45 0.31
CA ASN B 54 -12.03 4.22 1.46
C ASN B 54 -13.41 4.73 1.10
N THR B 55 -14.44 3.99 1.52
CA THR B 55 -15.80 4.41 1.18
C THR B 55 -16.81 4.42 2.33
N ILE B 56 -16.31 4.64 3.56
CA ILE B 56 -17.18 4.68 4.74
C ILE B 56 -18.29 5.74 4.57
N ASN B 57 -18.00 6.97 5.00
CA ASN B 57 -19.00 8.03 4.94
C ASN B 57 -19.17 8.70 3.57
N LYS B 58 -18.70 8.05 2.51
CA LYS B 58 -18.83 8.61 1.16
C LYS B 58 -18.34 10.07 1.15
N ARG B 59 -17.32 10.34 1.97
CA ARG B 59 -16.74 11.66 2.13
C ARG B 59 -16.06 12.18 0.84
N THR B 60 -16.50 13.35 0.38
CA THR B 60 -15.99 13.94 -0.86
C THR B 60 -14.49 13.83 -1.06
N GLN B 61 -13.74 13.85 0.04
CA GLN B 61 -12.28 13.74 -0.02
C GLN B 61 -11.93 12.46 0.71
N PRO B 62 -11.86 11.35 -0.02
CA PRO B 62 -11.55 10.13 0.70
C PRO B 62 -10.08 9.82 0.90
N THR B 63 -9.87 8.82 1.74
CA THR B 63 -8.58 8.31 2.11
C THR B 63 -8.36 7.07 1.22
N PHE B 64 -7.22 7.00 0.52
CA PHE B 64 -6.96 5.88 -0.36
C PHE B 64 -5.60 5.26 -0.08
N GLY B 65 -5.31 4.18 -0.80
CA GLY B 65 -4.03 3.52 -0.64
C GLY B 65 -3.75 2.54 -1.76
N PHE B 66 -2.51 2.43 -2.20
CA PHE B 66 -2.20 1.46 -3.24
C PHE B 66 -0.79 0.98 -3.20
N THR B 67 -0.53 -0.03 -4.01
CA THR B 67 0.74 -0.69 -4.12
C THR B 67 1.29 -0.56 -5.52
N VAL B 68 2.59 -0.33 -5.63
CA VAL B 68 3.19 -0.29 -6.94
C VAL B 68 4.17 -1.43 -6.98
N ASN B 69 3.98 -2.31 -7.95
CA ASN B 69 4.84 -3.47 -8.09
C ASN B 69 5.78 -3.31 -9.29
N TRP B 70 6.97 -2.83 -8.99
CA TRP B 70 7.98 -2.54 -9.99
C TRP B 70 8.37 -3.71 -10.87
N LYS B 71 8.25 -3.44 -12.17
CA LYS B 71 8.54 -4.40 -13.23
C LYS B 71 10.05 -4.55 -13.41
N PHE B 72 10.78 -3.48 -13.13
CA PHE B 72 12.23 -3.45 -13.30
C PHE B 72 13.06 -3.75 -12.05
N SER B 73 12.40 -4.07 -10.95
CA SER B 73 13.11 -4.39 -9.71
C SER B 73 12.31 -5.36 -8.84
N GLU B 74 12.93 -5.81 -7.76
CA GLU B 74 12.26 -6.73 -6.86
C GLU B 74 11.81 -6.01 -5.59
N SER B 75 11.42 -4.76 -5.77
CA SER B 75 10.98 -3.94 -4.66
C SER B 75 9.51 -3.53 -4.77
N THR B 76 8.92 -3.12 -3.64
CA THR B 76 7.56 -2.66 -3.59
C THR B 76 7.44 -1.26 -2.96
N THR B 77 6.49 -0.48 -3.48
CA THR B 77 6.24 0.87 -2.99
C THR B 77 4.76 0.94 -2.67
N VAL B 78 4.44 1.30 -1.43
CA VAL B 78 3.05 1.46 -1.02
C VAL B 78 2.80 2.93 -0.77
N PHE B 79 1.66 3.41 -1.25
CA PHE B 79 1.26 4.83 -1.14
C PHE B 79 -0.04 5.06 -0.34
N THR B 80 -0.07 6.03 0.57
CA THR B 80 -1.35 6.36 1.22
C THR B 80 -1.62 7.82 0.89
N GLY B 81 -2.86 8.24 1.01
CA GLY B 81 -3.15 9.62 0.73
C GLY B 81 -4.58 10.09 0.91
N GLN B 82 -4.77 11.35 0.52
CA GLN B 82 -6.07 12.00 0.61
C GLN B 82 -6.33 12.83 -0.63
N CYS B 83 -7.48 12.60 -1.26
CA CYS B 83 -7.83 13.38 -2.44
C CYS B 83 -8.35 14.71 -1.88
N PHE B 84 -7.53 15.75 -1.91
CA PHE B 84 -7.98 17.04 -1.41
C PHE B 84 -8.48 17.94 -2.50
N ILE B 85 -9.48 18.74 -2.16
CA ILE B 85 -10.00 19.73 -3.10
C ILE B 85 -9.23 21.03 -2.90
N ASP B 86 -8.33 21.36 -3.83
CA ASP B 86 -7.57 22.58 -3.69
C ASP B 86 -8.45 23.84 -3.73
N ARG B 87 -8.00 24.82 -2.96
CA ARG B 87 -8.61 26.15 -2.79
C ARG B 87 -9.09 26.88 -4.05
N ASN B 88 -8.38 26.69 -5.17
CA ASN B 88 -8.76 27.36 -6.39
C ASN B 88 -9.69 26.52 -7.26
N GLY B 89 -10.12 25.38 -6.71
CA GLY B 89 -11.04 24.51 -7.43
C GLY B 89 -10.42 23.40 -8.25
N LYS B 90 -9.38 22.78 -7.73
CA LYS B 90 -8.71 21.68 -8.42
C LYS B 90 -8.45 20.53 -7.43
N GLU B 91 -8.04 19.38 -7.96
CA GLU B 91 -7.75 18.26 -7.09
C GLU B 91 -6.25 18.08 -6.93
N VAL B 92 -5.83 17.83 -5.70
CA VAL B 92 -4.44 17.60 -5.39
C VAL B 92 -4.35 16.30 -4.60
N LEU B 93 -3.34 15.50 -4.90
CA LEU B 93 -3.13 14.25 -4.17
C LEU B 93 -1.86 14.37 -3.37
N LYS B 94 -2.05 14.44 -2.06
CA LYS B 94 -0.96 14.50 -1.14
C LYS B 94 -0.78 13.03 -0.76
N THR B 95 0.43 12.51 -0.90
CA THR B 95 0.64 11.13 -0.52
C THR B 95 1.99 11.02 0.17
N MET B 96 2.15 9.92 0.88
CA MET B 96 3.36 9.53 1.59
C MET B 96 3.61 8.15 1.02
N TRP B 97 4.86 7.74 0.98
CA TRP B 97 5.11 6.42 0.47
C TRP B 97 6.20 5.74 1.21
N LEU B 98 6.26 4.42 1.11
CA LEU B 98 7.33 3.66 1.75
C LEU B 98 7.86 2.71 0.71
N LEU B 99 9.15 2.85 0.36
CA LEU B 99 9.79 1.99 -0.62
C LEU B 99 10.56 0.87 0.03
N ARG B 100 10.11 -0.36 -0.19
CA ARG B 100 10.75 -1.54 0.37
C ARG B 100 11.69 -2.21 -0.65
N SER B 101 12.89 -2.53 -0.18
CA SER B 101 13.88 -3.17 -1.02
C SER B 101 14.02 -4.60 -0.56
N SER B 102 14.36 -5.47 -1.50
CA SER B 102 14.59 -6.87 -1.21
C SER B 102 16.00 -7.05 -0.65
N VAL B 103 16.12 -7.64 0.54
CA VAL B 103 17.46 -7.90 1.06
C VAL B 103 17.60 -9.41 1.16
N ASN B 104 18.79 -9.93 0.92
CA ASN B 104 18.99 -11.38 0.98
C ASN B 104 18.79 -11.96 2.35
N ASP B 105 19.25 -11.26 3.39
CA ASP B 105 19.10 -11.79 4.74
C ASP B 105 18.35 -10.91 5.75
N ILE B 106 17.63 -11.55 6.66
CA ILE B 106 16.85 -10.83 7.65
C ILE B 106 17.64 -9.88 8.53
N GLY B 107 18.97 -10.07 8.55
CA GLY B 107 19.88 -9.26 9.36
C GLY B 107 19.97 -7.82 8.91
N ASP B 108 19.70 -7.56 7.62
CA ASP B 108 19.73 -6.21 7.09
C ASP B 108 18.37 -5.59 6.91
N ASP B 109 17.33 -6.14 7.52
CA ASP B 109 15.97 -5.60 7.38
C ASP B 109 15.91 -4.11 7.68
N TRP B 110 16.56 -3.71 8.76
CA TRP B 110 16.59 -2.31 9.21
C TRP B 110 16.89 -1.26 8.14
N LYS B 111 17.74 -1.60 7.17
CA LYS B 111 18.10 -0.66 6.12
C LYS B 111 17.34 -0.82 4.81
N ALA B 112 16.26 -1.60 4.81
CA ALA B 112 15.47 -1.82 3.59
C ALA B 112 14.23 -0.95 3.37
N THR B 113 13.93 0.02 4.23
CA THR B 113 12.75 0.83 3.98
C THR B 113 12.95 2.35 4.01
N ARG B 114 12.61 2.97 2.88
CA ARG B 114 12.69 4.40 2.67
C ARG B 114 11.30 4.99 2.79
N VAL B 115 11.24 6.29 3.06
CA VAL B 115 9.99 6.99 3.18
C VAL B 115 10.11 8.30 2.47
N GLY B 116 9.05 8.71 1.80
CA GLY B 116 9.11 9.98 1.10
C GLY B 116 7.74 10.58 0.94
N ILE B 117 7.66 11.53 0.01
CA ILE B 117 6.43 12.28 -0.26
C ILE B 117 6.23 12.54 -1.69
N ASN B 118 4.97 12.66 -2.02
CA ASN B 118 4.62 12.92 -3.36
C ASN B 118 3.34 13.65 -3.45
N ILE B 119 3.25 14.42 -4.48
CA ILE B 119 2.10 15.18 -4.66
C ILE B 119 1.64 15.23 -6.11
N PHE B 120 0.39 14.81 -6.35
CA PHE B 120 -0.13 14.77 -7.72
C PHE B 120 -1.22 15.73 -8.12
N THR B 121 -1.28 15.94 -9.44
CA THR B 121 -2.28 16.82 -10.01
C THR B 121 -2.83 16.26 -11.35
N ARG B 122 -3.91 16.85 -11.84
CA ARG B 122 -4.47 16.43 -13.12
C ARG B 122 -3.47 16.71 -14.24
N LEU B 123 -3.22 15.68 -15.05
CA LEU B 123 -2.31 15.76 -16.19
C LEU B 123 -2.99 16.60 -17.27
#